data_7OMC
#
_entry.id   7OMC
#
_cell.length_a   90.690
_cell.length_b   98.180
_cell.length_c   117.480
_cell.angle_alpha   90.000
_cell.angle_beta   90.000
_cell.angle_gamma   90.000
#
_symmetry.space_group_name_H-M   'C 2 2 21'
#
loop_
_entity.id
_entity.type
_entity.pdbx_description
1 polymer 'Poly [ADP-ribose] polymerase tankyrase-2'
2 polymer 'Poly [ADP-ribose] polymerase tankyrase-2'
3 non-polymer 8-propan-2-yloxy-4~{H}-thieno[2,3-c]isoquinolin-5-one
4 non-polymer 'ZINC ION'
5 non-polymer 'SULFATE ION'
6 non-polymer GLYCEROL
7 water water
#
loop_
_entity_poly.entity_id
_entity_poly.type
_entity_poly.pdbx_seq_one_letter_code
_entity_poly.pdbx_strand_id
1 'polypeptide(L)'
;SMLNTSGSGTILIDLSPDDKEFQSVEEEMQSTVREHRDGGHAGGIFNRYNILKIQKVCNKKLWERYTHRRKEVSEENHNH
ANERMLFHGSPFVNAIIHKGFDERHAYIGGMFGAGIYFAENSSKSNQYVYGIGGGTGCPVHKDRSCYICHRQLLFCRVTL
GKSFLQFSAMK
;
AAA,BBB
2 'polypeptide(L)' MAHSPPGHHSVTGRPSVNGLALAEYVIYRGEQAYPEYLITYQIMRPEG A,B
#
loop_
_chem_comp.id
_chem_comp.type
_chem_comp.name
_chem_comp.formula
GOL non-polymer GLYCEROL 'C3 H8 O3'
SO4 non-polymer 'SULFATE ION' 'O4 S -2'
VJN non-polymer 8-propan-2-yloxy-4~{H}-thieno[2,3-c]isoquinolin-5-one 'C14 H13 N O2 S'
ZN non-polymer 'ZINC ION' 'Zn 2'
#
# COMPACT_ATOMS: atom_id res chain seq x y z
N SER A 8 -5.55 4.14 -37.95
CA SER A 8 -4.94 3.61 -36.70
C SER A 8 -3.82 2.60 -37.03
N GLY A 9 -4.15 1.57 -37.82
CA GLY A 9 -3.25 0.46 -38.18
C GLY A 9 -3.54 -0.79 -37.35
N THR A 10 -4.35 -0.68 -36.29
CA THR A 10 -4.64 -1.80 -35.36
C THR A 10 -5.80 -2.64 -35.90
N ILE A 11 -5.58 -3.96 -36.00
CA ILE A 11 -6.67 -4.96 -36.18
C ILE A 11 -6.65 -5.91 -34.98
N LEU A 12 -7.83 -6.38 -34.57
CA LEU A 12 -8.03 -7.40 -33.52
C LEU A 12 -8.41 -8.72 -34.19
N ILE A 13 -7.63 -9.79 -33.97
CA ILE A 13 -7.91 -11.15 -34.51
C ILE A 13 -8.47 -12.02 -33.38
N ASP A 14 -9.71 -12.47 -33.51
CA ASP A 14 -10.37 -13.39 -32.54
C ASP A 14 -9.63 -14.72 -32.56
N LEU A 15 -9.20 -15.21 -31.39
CA LEU A 15 -8.65 -16.57 -31.23
C LEU A 15 -9.82 -17.52 -30.96
N SER A 16 -9.81 -18.69 -31.58
CA SER A 16 -10.74 -19.80 -31.27
C SER A 16 -10.43 -20.32 -29.87
N PRO A 17 -11.44 -20.66 -29.05
CA PRO A 17 -11.21 -21.40 -27.81
C PRO A 17 -10.40 -22.70 -27.99
N ASP A 18 -10.41 -23.27 -29.20
CA ASP A 18 -9.70 -24.53 -29.55
C ASP A 18 -8.22 -24.27 -29.78
N ASP A 19 -7.82 -23.00 -29.97
CA ASP A 19 -6.44 -22.59 -30.29
C ASP A 19 -5.57 -22.65 -29.02
N LYS A 20 -4.40 -23.29 -29.10
CA LYS A 20 -3.44 -23.48 -27.97
C LYS A 20 -3.10 -22.12 -27.34
N GLU A 21 -3.03 -21.07 -28.18
CA GLU A 21 -2.71 -19.69 -27.80
C GLU A 21 -3.82 -19.12 -26.90
N PHE A 22 -5.09 -19.35 -27.25
CA PHE A 22 -6.26 -18.97 -26.43
C PHE A 22 -6.13 -19.63 -25.06
N GLN A 23 -5.83 -20.93 -25.04
CA GLN A 23 -5.83 -21.77 -23.82
C GLN A 23 -4.69 -21.36 -22.88
N SER A 24 -3.51 -21.01 -23.40
CA SER A 24 -2.33 -20.65 -22.56
C SER A 24 -2.54 -19.24 -21.98
N VAL A 25 -3.19 -18.33 -22.71
CA VAL A 25 -3.54 -16.98 -22.20
C VAL A 25 -4.64 -17.13 -21.15
N GLU A 26 -5.70 -17.91 -21.41
CA GLU A 26 -6.78 -18.12 -20.41
C GLU A 26 -6.15 -18.66 -19.12
N GLU A 27 -5.28 -19.66 -19.21
CA GLU A 27 -4.66 -20.33 -18.03
C GLU A 27 -3.88 -19.30 -17.20
N GLU A 28 -3.07 -18.43 -17.84
CA GLU A 28 -2.34 -17.32 -17.16
C GLU A 28 -3.32 -16.41 -16.43
N MET A 29 -4.41 -16.04 -17.10
CA MET A 29 -5.50 -15.21 -16.54
C MET A 29 -6.09 -15.90 -15.30
N GLN A 30 -6.47 -17.17 -15.41
CA GLN A 30 -7.20 -17.91 -14.33
C GLN A 30 -6.24 -18.24 -13.17
N SER A 31 -5.02 -18.69 -13.47
CA SER A 31 -4.08 -19.24 -12.46
C SER A 31 -3.45 -18.13 -11.62
N THR A 32 -3.48 -16.87 -12.07
CA THR A 32 -2.85 -15.73 -11.35
C THR A 32 -3.89 -14.90 -10.59
N VAL A 33 -5.11 -15.41 -10.38
CA VAL A 33 -6.09 -14.78 -9.44
C VAL A 33 -5.63 -15.04 -8.00
N ARG A 34 -5.67 -14.02 -7.15
CA ARG A 34 -5.45 -14.15 -5.69
C ARG A 34 -6.53 -13.35 -4.96
N GLU A 35 -6.63 -13.57 -3.65
CA GLU A 35 -7.43 -12.70 -2.74
C GLU A 35 -6.68 -11.40 -2.54
N HIS A 36 -7.41 -10.30 -2.37
CA HIS A 36 -6.85 -8.94 -2.21
C HIS A 36 -7.18 -8.44 -0.80
N ARG A 37 -6.33 -7.59 -0.25
CA ARG A 37 -6.36 -7.16 1.16
C ARG A 37 -7.56 -6.23 1.36
N ASP A 38 -8.13 -5.70 0.28
CA ASP A 38 -9.34 -4.83 0.32
C ASP A 38 -10.61 -5.68 0.38
N GLY A 39 -10.50 -7.02 0.45
CA GLY A 39 -11.64 -7.95 0.46
C GLY A 39 -12.52 -7.81 -0.78
N GLY A 40 -11.96 -7.31 -1.89
CA GLY A 40 -12.66 -7.15 -3.19
C GLY A 40 -13.30 -5.78 -3.39
N HIS A 41 -12.99 -4.80 -2.54
CA HIS A 41 -13.54 -3.41 -2.64
C HIS A 41 -13.30 -2.84 -4.04
N ALA A 42 -12.04 -2.86 -4.51
CA ALA A 42 -11.63 -2.20 -5.78
C ALA A 42 -12.07 -3.02 -7.00
N GLY A 43 -11.86 -4.34 -6.98
CA GLY A 43 -11.95 -5.20 -8.18
C GLY A 43 -13.11 -6.18 -8.14
N GLY A 44 -13.78 -6.33 -7.00
CA GLY A 44 -14.92 -7.25 -6.83
C GLY A 44 -14.53 -8.53 -6.13
N ILE A 45 -15.53 -9.33 -5.74
CA ILE A 45 -15.37 -10.64 -5.05
C ILE A 45 -15.51 -11.77 -6.07
N PHE A 46 -14.48 -12.59 -6.23
CA PHE A 46 -14.40 -13.67 -7.25
C PHE A 46 -13.13 -14.51 -7.01
N ASN A 47 -13.13 -15.76 -7.46
CA ASN A 47 -11.96 -16.66 -7.45
C ASN A 47 -11.57 -17.02 -8.89
N ARG A 48 -12.39 -16.69 -9.88
CA ARG A 48 -12.11 -16.99 -11.30
C ARG A 48 -12.96 -16.11 -12.22
N TYR A 49 -12.66 -16.16 -13.53
CA TYR A 49 -13.33 -15.35 -14.58
C TYR A 49 -14.14 -16.25 -15.51
N ASN A 50 -15.22 -15.68 -16.05
CA ASN A 50 -15.85 -16.15 -17.30
C ASN A 50 -15.19 -15.44 -18.47
N ILE A 51 -14.30 -16.13 -19.19
CA ILE A 51 -13.57 -15.57 -20.36
C ILE A 51 -14.53 -15.54 -21.55
N LEU A 52 -14.80 -14.36 -22.10
CA LEU A 52 -15.81 -14.18 -23.19
C LEU A 52 -15.09 -14.19 -24.54
N LYS A 53 -13.89 -13.61 -24.62
CA LYS A 53 -13.15 -13.46 -25.88
C LYS A 53 -11.67 -13.20 -25.59
N ILE A 54 -10.78 -13.74 -26.42
CA ILE A 54 -9.34 -13.35 -26.44
C ILE A 54 -8.99 -12.95 -27.87
N GLN A 55 -8.51 -11.73 -28.06
CA GLN A 55 -8.10 -11.18 -29.37
C GLN A 55 -6.62 -10.84 -29.36
N LYS A 56 -5.93 -11.23 -30.45
CA LYS A 56 -4.54 -10.83 -30.75
C LYS A 56 -4.57 -9.39 -31.28
N VAL A 57 -3.74 -8.52 -30.71
CA VAL A 57 -3.63 -7.09 -31.11
C VAL A 57 -2.48 -6.98 -32.11
N CYS A 58 -2.80 -6.58 -33.35
CA CYS A 58 -1.85 -6.51 -34.49
C CYS A 58 -1.75 -5.07 -34.98
N ASN A 59 -0.61 -4.44 -34.73
CA ASN A 59 -0.25 -3.08 -35.19
C ASN A 59 1.25 -3.06 -35.52
N LYS A 60 1.55 -3.02 -36.82
CA LYS A 60 2.93 -3.04 -37.40
C LYS A 60 3.78 -1.96 -36.74
N LYS A 61 3.35 -0.69 -36.80
CA LYS A 61 4.11 0.47 -36.27
C LYS A 61 4.44 0.22 -34.79
N LEU A 62 3.43 -0.08 -33.97
CA LEU A 62 3.56 -0.21 -32.49
C LEU A 62 4.49 -1.38 -32.15
N TRP A 63 4.42 -2.48 -32.90
CA TRP A 63 5.32 -3.65 -32.74
C TRP A 63 6.77 -3.21 -33.01
N GLU A 64 7.01 -2.50 -34.12
CA GLU A 64 8.37 -2.05 -34.53
C GLU A 64 8.89 -1.03 -33.50
N ARG A 65 8.01 -0.16 -32.98
CA ARG A 65 8.32 0.76 -31.87
C ARG A 65 8.80 -0.05 -30.66
N TYR A 66 8.09 -1.14 -30.33
CA TYR A 66 8.43 -2.03 -29.20
C TYR A 66 9.79 -2.71 -29.43
N THR A 67 9.99 -3.36 -30.58
CA THR A 67 11.19 -4.19 -30.88
C THR A 67 12.42 -3.29 -30.99
N HIS A 68 12.25 -2.05 -31.45
CA HIS A 68 13.33 -1.04 -31.52
C HIS A 68 13.81 -0.73 -30.10
N ARG A 69 12.90 -0.43 -29.18
CA ARG A 69 13.24 -0.07 -27.78
C ARG A 69 13.84 -1.31 -27.07
N ARG A 70 13.34 -2.50 -27.38
CA ARG A 70 13.79 -3.78 -26.77
C ARG A 70 15.28 -4.00 -27.08
N LYS A 71 15.67 -3.83 -28.35
CA LYS A 71 17.07 -3.94 -28.83
C LYS A 71 17.96 -2.95 -28.07
N GLU A 72 17.52 -1.71 -27.87
CA GLU A 72 18.29 -0.68 -27.13
C GLU A 72 18.55 -1.17 -25.70
N VAL A 73 17.49 -1.57 -24.98
CA VAL A 73 17.57 -2.05 -23.59
C VAL A 73 18.51 -3.27 -23.55
N SER A 74 18.26 -4.23 -24.42
CA SER A 74 19.02 -5.49 -24.57
C SER A 74 20.52 -5.19 -24.69
N GLU A 75 20.88 -4.25 -25.57
CA GLU A 75 22.30 -3.89 -25.86
C GLU A 75 22.92 -3.16 -24.66
N GLU A 76 22.11 -2.58 -23.76
CA GLU A 76 22.57 -1.94 -22.50
C GLU A 76 22.64 -2.98 -21.37
N ASN A 77 22.27 -4.24 -21.62
CA ASN A 77 22.03 -5.23 -20.55
C ASN A 77 22.51 -6.62 -21.02
N HIS A 78 23.77 -6.71 -21.43
CA HIS A 78 24.45 -7.95 -21.89
C HIS A 78 23.48 -8.80 -22.71
N ASN A 79 22.82 -8.18 -23.70
CA ASN A 79 21.96 -8.88 -24.69
CA ASN A 79 21.96 -8.87 -24.69
C ASN A 79 20.80 -9.57 -23.98
N HIS A 80 20.20 -8.92 -22.98
CA HIS A 80 19.09 -9.47 -22.17
C HIS A 80 17.99 -8.41 -22.00
N ALA A 81 16.89 -8.55 -22.74
CA ALA A 81 15.71 -7.65 -22.70
C ALA A 81 14.99 -7.84 -21.36
N ASN A 82 15.09 -9.03 -20.76
CA ASN A 82 14.38 -9.39 -19.52
C ASN A 82 12.88 -9.16 -19.78
N GLU A 83 12.37 -9.83 -20.82
CA GLU A 83 11.00 -9.65 -21.35
C GLU A 83 10.03 -10.56 -20.60
N ARG A 84 8.92 -10.00 -20.13
CA ARG A 84 7.86 -10.69 -19.37
C ARG A 84 6.53 -10.53 -20.13
N MET A 85 5.59 -11.42 -19.84
CA MET A 85 4.17 -11.27 -20.23
C MET A 85 3.40 -10.91 -18.95
N LEU A 86 2.81 -9.71 -18.91
CA LEU A 86 2.20 -9.12 -17.68
C LEU A 86 0.83 -8.54 -18.03
N PHE A 87 -0.04 -8.43 -17.02
CA PHE A 87 -1.42 -7.89 -17.16
C PHE A 87 -1.37 -6.37 -16.99
N HIS A 88 -2.23 -5.68 -17.73
CA HIS A 88 -2.52 -4.23 -17.56
C HIS A 88 -4.03 -3.99 -17.62
N GLY A 89 -4.57 -3.37 -16.57
CA GLY A 89 -5.97 -2.91 -16.51
C GLY A 89 -6.02 -1.39 -16.59
N SER A 90 -6.98 -0.86 -17.34
CA SER A 90 -7.14 0.60 -17.57
C SER A 90 -8.50 0.90 -18.18
N PRO A 91 -9.14 2.03 -17.85
CA PRO A 91 -10.27 2.53 -18.62
C PRO A 91 -9.86 2.90 -20.06
N PHE A 92 -8.57 3.04 -20.34
CA PHE A 92 -8.05 3.57 -21.63
C PHE A 92 -7.49 2.44 -22.50
N VAL A 93 -7.93 1.19 -22.30
CA VAL A 93 -7.45 0.00 -23.08
C VAL A 93 -7.66 0.27 -24.58
N ASN A 94 -8.74 0.97 -24.95
CA ASN A 94 -9.07 1.21 -26.39
C ASN A 94 -8.02 2.15 -26.98
N ALA A 95 -7.66 3.23 -26.27
CA ALA A 95 -6.59 4.17 -26.69
C ALA A 95 -5.24 3.43 -26.76
N ILE A 96 -4.99 2.49 -25.85
CA ILE A 96 -3.68 1.77 -25.77
C ILE A 96 -3.53 0.89 -27.01
N ILE A 97 -4.53 0.07 -27.35
CA ILE A 97 -4.43 -0.88 -28.50
C ILE A 97 -4.27 -0.11 -29.81
N HIS A 98 -4.73 1.15 -29.90
CA HIS A 98 -4.71 1.95 -31.15
C HIS A 98 -3.46 2.83 -31.24
N LYS A 99 -3.07 3.51 -30.14
CA LYS A 99 -1.98 4.53 -30.13
CA LYS A 99 -1.97 4.52 -30.15
C LYS A 99 -0.76 4.03 -29.34
N GLY A 100 -0.91 2.95 -28.57
CA GLY A 100 0.17 2.41 -27.71
C GLY A 100 0.18 3.05 -26.33
N PHE A 101 1.06 2.58 -25.45
CA PHE A 101 1.29 3.16 -24.10
C PHE A 101 2.08 4.47 -24.23
N ASP A 102 1.71 5.48 -23.42
CA ASP A 102 2.45 6.77 -23.32
C ASP A 102 2.21 7.39 -21.93
N GLU A 103 2.77 8.58 -21.72
CA GLU A 103 2.70 9.40 -20.47
C GLU A 103 1.29 9.39 -19.89
N ARG A 104 0.26 9.47 -20.73
CA ARG A 104 -1.17 9.55 -20.31
C ARG A 104 -1.60 8.27 -19.58
N HIS A 105 -0.88 7.16 -19.75
CA HIS A 105 -1.23 5.84 -19.14
C HIS A 105 -0.41 5.62 -17.86
N ALA A 106 0.35 6.62 -17.43
CA ALA A 106 1.18 6.58 -16.20
C ALA A 106 0.27 6.67 -14.97
N TYR A 107 0.70 6.08 -13.86
CA TYR A 107 0.04 6.17 -12.53
C TYR A 107 0.85 7.17 -11.69
N ILE A 108 0.43 8.44 -11.71
CA ILE A 108 1.21 9.57 -11.13
C ILE A 108 1.43 9.32 -9.63
N GLY A 109 0.40 8.80 -8.94
CA GLY A 109 0.41 8.57 -7.48
C GLY A 109 0.91 7.18 -7.10
N GLY A 110 1.57 6.46 -8.02
CA GLY A 110 1.98 5.06 -7.81
C GLY A 110 3.07 4.92 -6.75
N MET A 111 2.93 3.92 -5.88
CA MET A 111 3.88 3.50 -4.80
C MET A 111 5.33 3.49 -5.31
N PHE A 112 5.55 3.07 -6.56
CA PHE A 112 6.89 2.81 -7.15
C PHE A 112 7.27 3.91 -8.15
N GLY A 113 6.59 5.05 -8.11
CA GLY A 113 6.88 6.22 -8.96
C GLY A 113 5.86 6.39 -10.08
N ALA A 114 5.89 7.56 -10.73
CA ALA A 114 4.99 7.96 -11.83
C ALA A 114 5.42 7.27 -13.12
N GLY A 115 4.97 6.04 -13.34
CA GLY A 115 5.22 5.29 -14.59
C GLY A 115 4.02 4.43 -14.94
N ILE A 116 4.20 3.51 -15.89
CA ILE A 116 3.12 2.59 -16.36
C ILE A 116 3.26 1.28 -15.58
N TYR A 117 2.19 0.85 -14.92
CA TYR A 117 2.17 -0.30 -13.98
C TYR A 117 1.67 -1.55 -14.71
N PHE A 118 2.29 -2.68 -14.39
CA PHE A 118 1.92 -4.03 -14.88
C PHE A 118 1.92 -4.98 -13.68
N ALA A 119 1.14 -6.06 -13.75
CA ALA A 119 0.99 -7.03 -12.65
C ALA A 119 1.16 -8.46 -13.16
N GLU A 120 1.80 -9.31 -12.36
CA GLU A 120 1.81 -10.78 -12.55
C GLU A 120 0.44 -11.35 -12.19
N ASN A 121 -0.24 -10.76 -11.20
CA ASN A 121 -1.60 -11.18 -10.78
C ASN A 121 -2.66 -10.50 -11.65
N SER A 122 -3.38 -11.27 -12.46
CA SER A 122 -4.51 -10.77 -13.30
C SER A 122 -5.52 -10.03 -12.41
N SER A 123 -5.78 -10.56 -11.22
CA SER A 123 -6.74 -10.01 -10.22
C SER A 123 -6.25 -8.63 -9.72
N LYS A 124 -4.95 -8.37 -9.77
CA LYS A 124 -4.37 -7.05 -9.45
C LYS A 124 -4.76 -6.04 -10.55
N SER A 125 -4.49 -6.37 -11.81
CA SER A 125 -4.84 -5.52 -12.97
C SER A 125 -6.36 -5.30 -13.01
N ASN A 126 -7.16 -6.29 -12.59
CA ASN A 126 -8.65 -6.22 -12.58
C ASN A 126 -9.11 -5.04 -11.70
N GLN A 127 -8.35 -4.69 -10.66
CA GLN A 127 -8.67 -3.60 -9.71
C GLN A 127 -8.66 -2.24 -10.41
N TYR A 128 -8.02 -2.13 -11.58
CA TYR A 128 -7.80 -0.83 -12.28
C TYR A 128 -8.64 -0.70 -13.55
N VAL A 129 -9.46 -1.70 -13.91
CA VAL A 129 -10.20 -1.66 -15.21
C VAL A 129 -11.17 -0.46 -15.20
N TYR A 130 -11.79 -0.15 -14.06
CA TYR A 130 -12.75 0.98 -13.90
C TYR A 130 -12.08 2.19 -13.25
N GLY A 131 -10.74 2.18 -13.19
CA GLY A 131 -9.93 3.29 -12.65
C GLY A 131 -9.21 2.88 -11.38
N ILE A 132 -8.48 3.84 -10.80
CA ILE A 132 -7.70 3.65 -9.54
C ILE A 132 -8.69 3.34 -8.41
N GLY A 133 -8.41 2.29 -7.64
CA GLY A 133 -9.33 1.77 -6.60
C GLY A 133 -10.64 1.29 -7.18
N GLY A 134 -10.66 0.96 -8.48
CA GLY A 134 -11.89 0.54 -9.20
C GLY A 134 -12.83 1.70 -9.48
N GLY A 135 -12.43 2.94 -9.14
CA GLY A 135 -13.24 4.15 -9.36
C GLY A 135 -14.63 4.00 -8.78
N THR A 136 -15.67 4.27 -9.57
CA THR A 136 -17.08 4.13 -9.16
C THR A 136 -17.67 2.82 -9.71
N GLY A 137 -16.83 1.89 -10.15
CA GLY A 137 -17.24 0.60 -10.71
C GLY A 137 -17.72 0.73 -12.15
N CYS A 138 -18.44 -0.27 -12.66
CA CYS A 138 -18.91 -0.33 -14.06
C CYS A 138 -19.74 0.92 -14.38
N PRO A 139 -19.67 1.48 -15.61
CA PRO A 139 -20.45 2.66 -15.96
C PRO A 139 -21.97 2.48 -15.88
N VAL A 140 -22.46 1.26 -16.11
CA VAL A 140 -23.92 0.94 -16.19
C VAL A 140 -24.51 0.89 -14.77
N HIS A 141 -23.93 0.09 -13.87
CA HIS A 141 -24.53 -0.25 -12.54
C HIS A 141 -23.81 0.46 -11.38
N LYS A 142 -22.69 1.15 -11.62
CA LYS A 142 -21.87 1.82 -10.57
C LYS A 142 -21.37 0.78 -9.56
N ASP A 143 -21.05 -0.42 -10.02
CA ASP A 143 -20.73 -1.59 -9.15
C ASP A 143 -19.31 -2.11 -9.46
N ARG A 144 -18.38 -1.90 -8.51
CA ARG A 144 -16.96 -2.35 -8.61
C ARG A 144 -16.89 -3.89 -8.63
N SER A 145 -17.92 -4.57 -8.12
CA SER A 145 -18.03 -6.06 -8.12
C SER A 145 -19.12 -6.53 -9.10
N CYS A 146 -19.39 -5.79 -10.17
CA CYS A 146 -20.45 -6.16 -11.16
C CYS A 146 -20.09 -7.50 -11.81
N TYR A 147 -21.04 -8.43 -11.84
CA TYR A 147 -20.89 -9.80 -12.41
C TYR A 147 -21.50 -9.87 -13.82
N ILE A 148 -22.10 -8.77 -14.28
CA ILE A 148 -22.88 -8.69 -15.54
C ILE A 148 -22.02 -8.04 -16.63
N CYS A 149 -21.45 -6.87 -16.32
CA CYS A 149 -20.77 -6.00 -17.30
C CYS A 149 -19.46 -6.66 -17.76
N HIS A 150 -19.18 -6.57 -19.06
CA HIS A 150 -17.99 -7.12 -19.73
C HIS A 150 -16.79 -6.24 -19.39
N ARG A 151 -15.73 -6.84 -18.83
CA ARG A 151 -14.45 -6.16 -18.50
C ARG A 151 -13.40 -6.56 -19.53
N GLN A 152 -12.36 -5.75 -19.67
CA GLN A 152 -11.22 -6.02 -20.57
C GLN A 152 -9.91 -5.81 -19.80
N LEU A 153 -8.97 -6.73 -20.01
CA LEU A 153 -7.56 -6.62 -19.55
C LEU A 153 -6.65 -6.76 -20.77
N LEU A 154 -5.48 -6.14 -20.73
CA LEU A 154 -4.40 -6.38 -21.71
C LEU A 154 -3.41 -7.37 -21.09
N PHE A 155 -2.97 -8.35 -21.89
CA PHE A 155 -1.84 -9.25 -21.58
C PHE A 155 -0.68 -8.80 -22.48
N CYS A 156 0.35 -8.20 -21.87
CA CYS A 156 1.33 -7.33 -22.55
C CYS A 156 2.73 -7.95 -22.51
N ARG A 157 3.46 -7.82 -23.61
CA ARG A 157 4.91 -8.10 -23.69
C ARG A 157 5.63 -6.86 -23.15
N VAL A 158 6.38 -7.01 -22.05
CA VAL A 158 7.03 -5.88 -21.32
C VAL A 158 8.53 -6.14 -21.22
N THR A 159 9.34 -5.21 -21.72
CA THR A 159 10.82 -5.22 -21.57
C THR A 159 11.16 -4.60 -20.23
N LEU A 160 11.73 -5.37 -19.30
CA LEU A 160 12.13 -4.85 -17.96
C LEU A 160 13.58 -4.37 -17.98
N GLY A 161 14.43 -4.94 -18.83
CA GLY A 161 15.89 -4.76 -18.77
C GLY A 161 16.42 -4.98 -17.36
N LYS A 162 17.37 -4.16 -16.92
CA LYS A 162 17.84 -4.11 -15.52
C LYS A 162 16.75 -3.47 -14.67
N SER A 163 16.11 -4.24 -13.79
CA SER A 163 14.97 -3.77 -12.98
C SER A 163 15.46 -3.43 -11.56
N PHE A 164 15.12 -2.23 -11.07
CA PHE A 164 15.40 -1.81 -9.67
C PHE A 164 14.45 -2.58 -8.76
N LEU A 165 15.00 -3.37 -7.83
CA LEU A 165 14.22 -4.16 -6.85
C LEU A 165 13.84 -3.25 -5.68
N GLN A 166 12.54 -2.95 -5.55
CA GLN A 166 11.95 -2.19 -4.43
C GLN A 166 11.18 -3.20 -3.56
N PHE A 167 11.60 -3.37 -2.30
CA PHE A 167 10.87 -4.18 -1.29
C PHE A 167 9.76 -3.29 -0.71
N SER A 168 8.56 -3.84 -0.51
CA SER A 168 7.35 -3.10 -0.10
C SER A 168 6.60 -3.85 0.99
N ALA A 169 6.17 -3.13 2.04
CA ALA A 169 5.31 -3.63 3.15
C ALA A 169 6.01 -4.78 3.87
N ALA B 2 7.92 10.43 -14.79
CA ALA B 2 9.22 10.23 -14.09
C ALA B 2 10.15 9.38 -14.95
N HIS B 3 11.40 9.23 -14.50
CA HIS B 3 12.47 8.40 -15.13
C HIS B 3 12.73 7.16 -14.27
N SER B 4 13.28 6.10 -14.87
CA SER B 4 13.82 4.90 -14.16
C SER B 4 14.88 5.36 -13.17
N PRO B 5 15.14 4.62 -12.08
CA PRO B 5 16.30 4.91 -11.23
C PRO B 5 17.57 4.81 -12.08
N PRO B 6 18.52 5.76 -11.96
CA PRO B 6 19.74 5.72 -12.78
C PRO B 6 20.38 4.33 -12.86
N GLY B 7 20.68 3.87 -14.09
CA GLY B 7 21.29 2.55 -14.38
C GLY B 7 20.27 1.42 -14.48
N HIS B 8 18.96 1.74 -14.58
CA HIS B 8 17.84 0.76 -14.61
C HIS B 8 16.84 1.13 -15.71
N HIS B 9 16.09 0.14 -16.21
CA HIS B 9 15.08 0.30 -17.29
C HIS B 9 13.66 0.17 -16.76
N SER B 10 13.50 -0.19 -15.48
CA SER B 10 12.18 -0.54 -14.87
C SER B 10 12.33 -0.63 -13.36
N VAL B 11 11.19 -0.70 -12.65
CA VAL B 11 11.14 -0.99 -11.19
C VAL B 11 10.33 -2.27 -10.99
N THR B 12 10.81 -3.16 -10.12
CA THR B 12 10.10 -4.36 -9.64
C THR B 12 9.61 -4.10 -8.21
N GLY B 13 8.29 -4.03 -8.02
CA GLY B 13 7.63 -3.99 -6.70
C GLY B 13 7.52 -5.37 -6.11
N ARG B 14 8.49 -5.76 -5.28
CA ARG B 14 8.56 -7.12 -4.69
C ARG B 14 7.53 -7.22 -3.57
N PRO B 15 6.65 -8.25 -3.59
CA PRO B 15 5.54 -8.33 -2.64
C PRO B 15 5.97 -8.55 -1.17
N GLY B 19 2.27 -12.26 1.44
CA GLY B 19 2.75 -13.66 1.38
C GLY B 19 2.41 -14.33 0.06
N LEU B 20 1.17 -14.16 -0.43
CA LEU B 20 0.65 -14.86 -1.63
C LEU B 20 0.79 -13.99 -2.88
N ALA B 21 1.06 -12.69 -2.71
CA ALA B 21 1.06 -11.68 -3.80
C ALA B 21 2.23 -11.93 -4.75
N LEU B 22 1.99 -11.80 -6.06
CA LEU B 22 3.07 -11.76 -7.09
C LEU B 22 3.50 -10.30 -7.28
N ALA B 23 4.57 -10.09 -8.04
CA ALA B 23 5.24 -8.79 -8.23
C ALA B 23 4.40 -7.86 -9.12
N GLU B 24 4.58 -6.56 -8.93
CA GLU B 24 4.14 -5.48 -9.84
C GLU B 24 5.39 -4.85 -10.45
N TYR B 25 5.27 -4.29 -11.64
CA TYR B 25 6.39 -3.72 -12.43
C TYR B 25 5.98 -2.33 -12.92
N VAL B 26 6.97 -1.45 -13.04
CA VAL B 26 6.79 -0.08 -13.57
C VAL B 26 7.86 0.13 -14.65
N ILE B 27 7.41 0.58 -15.82
CA ILE B 27 8.28 1.09 -16.92
C ILE B 27 8.01 2.58 -17.03
N TYR B 28 8.98 3.36 -17.52
CA TYR B 28 8.91 4.83 -17.59
C TYR B 28 8.90 5.27 -19.06
N ARG B 29 8.85 4.31 -19.98
CA ARG B 29 8.75 4.55 -21.44
C ARG B 29 7.73 3.58 -22.03
N GLY B 30 6.70 4.10 -22.70
CA GLY B 30 5.58 3.32 -23.26
C GLY B 30 6.02 2.36 -24.35
N GLU B 31 7.15 2.62 -24.99
CA GLU B 31 7.73 1.77 -26.07
C GLU B 31 8.22 0.44 -25.49
N GLN B 32 8.36 0.34 -24.16
CA GLN B 32 8.86 -0.87 -23.45
C GLN B 32 7.73 -1.86 -23.16
N ALA B 33 6.52 -1.63 -23.69
CA ALA B 33 5.38 -2.56 -23.60
C ALA B 33 4.63 -2.59 -24.92
N TYR B 34 4.18 -3.78 -25.32
CA TYR B 34 3.28 -4.02 -26.47
C TYR B 34 2.05 -4.77 -25.98
N PRO B 35 0.83 -4.27 -26.25
CA PRO B 35 -0.40 -4.94 -25.82
C PRO B 35 -0.81 -6.09 -26.75
N GLU B 36 -0.30 -7.30 -26.48
CA GLU B 36 -0.40 -8.49 -27.37
C GLU B 36 -1.83 -9.02 -27.45
N TYR B 37 -2.48 -9.18 -26.30
CA TYR B 37 -3.84 -9.79 -26.21
C TYR B 37 -4.79 -8.86 -25.46
N LEU B 38 -5.96 -8.66 -26.07
CA LEU B 38 -7.15 -8.03 -25.44
C LEU B 38 -8.07 -9.16 -24.96
N ILE B 39 -8.30 -9.24 -23.65
CA ILE B 39 -9.12 -10.30 -23.01
C ILE B 39 -10.41 -9.66 -22.51
N THR B 40 -11.56 -10.12 -23.02
CA THR B 40 -12.90 -9.73 -22.56
C THR B 40 -13.42 -10.83 -21.63
N TYR B 41 -13.92 -10.45 -20.46
CA TYR B 41 -14.29 -11.40 -19.39
C TYR B 41 -15.32 -10.77 -18.47
N GLN B 42 -15.97 -11.61 -17.68
CA GLN B 42 -16.69 -11.22 -16.44
C GLN B 42 -15.99 -11.89 -15.26
N ILE B 43 -15.94 -11.22 -14.11
CA ILE B 43 -15.63 -11.88 -12.82
C ILE B 43 -16.84 -12.78 -12.49
N MET B 44 -16.62 -13.93 -11.86
CA MET B 44 -17.70 -14.89 -11.51
C MET B 44 -17.95 -14.85 -10.00
N ARG B 45 -19.20 -14.61 -9.60
CA ARG B 45 -19.70 -14.76 -8.21
C ARG B 45 -19.35 -16.16 -7.71
N PRO B 46 -18.61 -16.30 -6.58
CA PRO B 46 -18.29 -17.63 -6.03
C PRO B 46 -19.53 -18.47 -5.70
N GLU B 47 -19.43 -19.80 -5.84
CA GLU B 47 -20.54 -20.78 -5.73
C GLU B 47 -21.55 -20.31 -4.67
N SER C 8 -8.15 -13.84 10.13
CA SER C 8 -8.89 -12.66 10.66
C SER C 8 -9.89 -12.16 9.62
N GLY C 9 -10.67 -11.13 9.98
CA GLY C 9 -11.64 -10.44 9.11
C GLY C 9 -11.28 -8.96 8.94
N THR C 10 -10.00 -8.66 8.72
CA THR C 10 -9.50 -7.29 8.46
C THR C 10 -9.50 -7.05 6.95
N ILE C 11 -10.09 -5.92 6.52
CA ILE C 11 -9.93 -5.41 5.13
C ILE C 11 -9.27 -4.03 5.20
N LEU C 12 -8.43 -3.74 4.21
CA LEU C 12 -7.76 -2.43 4.02
C LEU C 12 -8.38 -1.76 2.80
N ILE C 13 -8.92 -0.55 2.97
CA ILE C 13 -9.52 0.28 1.88
C ILE C 13 -8.51 1.39 1.56
N ASP C 14 -8.02 1.45 0.31
CA ASP C 14 -7.11 2.53 -0.15
C ASP C 14 -7.86 3.86 -0.16
N LEU C 15 -7.31 4.89 0.47
CA LEU C 15 -7.83 6.27 0.36
C LEU C 15 -7.17 6.93 -0.84
N SER C 16 -7.95 7.68 -1.62
CA SER C 16 -7.46 8.53 -2.73
C SER C 16 -6.72 9.73 -2.16
N PRO C 17 -5.58 10.13 -2.74
CA PRO C 17 -4.94 11.41 -2.41
C PRO C 17 -5.86 12.63 -2.57
N ASP C 18 -6.91 12.52 -3.40
CA ASP C 18 -7.89 13.59 -3.68
C ASP C 18 -8.93 13.65 -2.55
N ASP C 19 -8.99 12.61 -1.71
CA ASP C 19 -9.89 12.47 -0.54
C ASP C 19 -9.37 13.36 0.60
N LYS C 20 -10.26 14.15 1.20
CA LYS C 20 -9.93 15.05 2.35
C LYS C 20 -9.41 14.21 3.52
N GLU C 21 -9.93 12.99 3.70
CA GLU C 21 -9.51 12.08 4.79
C GLU C 21 -8.03 11.71 4.62
N PHE C 22 -7.61 11.35 3.41
CA PHE C 22 -6.18 11.11 3.07
C PHE C 22 -5.35 12.33 3.48
N GLN C 23 -5.75 13.51 3.03
CA GLN C 23 -5.00 14.78 3.20
C GLN C 23 -4.84 15.10 4.69
N SER C 24 -5.92 14.91 5.46
CA SER C 24 -5.98 15.16 6.92
C SER C 24 -4.95 14.27 7.63
N VAL C 25 -4.91 12.99 7.29
CA VAL C 25 -3.97 12.00 7.90
C VAL C 25 -2.55 12.35 7.45
N GLU C 26 -2.34 12.73 6.18
CA GLU C 26 -1.02 13.17 5.69
C GLU C 26 -0.56 14.40 6.49
N GLU C 27 -1.43 15.39 6.67
CA GLU C 27 -1.09 16.67 7.37
C GLU C 27 -0.69 16.38 8.82
N GLU C 28 -1.38 15.45 9.49
CA GLU C 28 -1.08 15.06 10.89
C GLU C 28 0.31 14.43 10.94
N MET C 29 0.61 13.59 9.96
CA MET C 29 1.93 12.95 9.77
C MET C 29 3.03 14.03 9.61
N GLN C 30 2.86 14.91 8.62
CA GLN C 30 3.91 15.88 8.21
C GLN C 30 4.09 16.97 9.27
N SER C 31 3.01 17.42 9.91
CA SER C 31 3.02 18.59 10.83
C SER C 31 3.55 18.19 12.22
N THR C 32 3.71 16.89 12.51
CA THR C 32 4.15 16.39 13.84
C THR C 32 5.55 15.79 13.75
N VAL C 33 6.30 16.08 12.67
CA VAL C 33 7.76 15.78 12.57
C VAL C 33 8.49 16.78 13.47
N ARG C 34 9.38 16.28 14.33
CA ARG C 34 10.29 17.15 15.12
C ARG C 34 11.71 16.60 15.02
N GLU C 35 12.68 17.37 15.51
CA GLU C 35 14.06 16.91 15.74
C GLU C 35 14.07 16.04 16.99
N HIS C 36 14.90 15.00 17.00
CA HIS C 36 15.08 14.06 18.12
C HIS C 36 16.47 14.26 18.73
N ARG C 37 16.61 14.03 20.04
CA ARG C 37 17.84 14.33 20.79
C ARG C 37 18.95 13.35 20.35
N ASP C 38 18.59 12.27 19.65
CA ASP C 38 19.55 11.26 19.10
C ASP C 38 20.11 11.71 17.74
N GLY C 39 19.73 12.90 17.24
CA GLY C 39 20.18 13.41 15.93
C GLY C 39 19.83 12.47 14.78
N GLY C 40 18.80 11.64 14.94
CA GLY C 40 18.27 10.75 13.88
C GLY C 40 18.81 9.33 13.94
N HIS C 41 19.54 8.98 15.00
CA HIS C 41 20.17 7.63 15.17
CA HIS C 41 20.16 7.63 15.16
C HIS C 41 19.10 6.54 15.02
N ALA C 42 18.00 6.64 15.76
CA ALA C 42 16.93 5.62 15.83
C ALA C 42 16.07 5.64 14.55
N GLY C 43 15.57 6.80 14.14
CA GLY C 43 14.52 6.93 13.11
C GLY C 43 15.02 7.45 11.77
N GLY C 44 16.26 7.94 11.72
CA GLY C 44 16.87 8.55 10.53
C GLY C 44 16.78 10.06 10.54
N ILE C 45 17.38 10.71 9.55
CA ILE C 45 17.48 12.19 9.41
C ILE C 45 16.50 12.64 8.31
N PHE C 46 15.51 13.46 8.67
CA PHE C 46 14.41 13.90 7.75
C PHE C 46 13.63 15.04 8.40
N ASN C 47 13.03 15.90 7.58
CA ASN C 47 12.12 17.00 7.99
C ASN C 47 10.68 16.65 7.60
N ARG C 48 10.50 15.77 6.61
CA ARG C 48 9.16 15.41 6.06
C ARG C 48 9.20 13.99 5.50
N TYR C 49 8.02 13.46 5.18
CA TYR C 49 7.82 12.10 4.62
C TYR C 49 7.34 12.20 3.17
N ASN C 50 7.63 11.15 2.40
CA ASN C 50 6.93 10.81 1.14
C ASN C 50 5.86 9.78 1.48
N ILE C 51 4.60 10.21 1.55
CA ILE C 51 3.42 9.33 1.83
C ILE C 51 3.15 8.54 0.55
N LEU C 52 3.25 7.21 0.61
CA LEU C 52 3.07 6.31 -0.56
C LEU C 52 1.60 5.84 -0.61
N LYS C 53 0.98 5.63 0.55
CA LYS C 53 -0.38 5.04 0.64
C LYS C 53 -0.96 5.24 2.04
N ILE C 54 -2.26 5.53 2.11
CA ILE C 54 -3.04 5.56 3.39
C ILE C 54 -4.25 4.64 3.20
N GLN C 55 -4.36 3.61 4.03
CA GLN C 55 -5.46 2.62 4.04
C GLN C 55 -6.27 2.74 5.33
N LYS C 56 -7.59 2.70 5.21
CA LYS C 56 -8.51 2.54 6.37
C LYS C 56 -8.48 1.06 6.77
N VAL C 57 -8.33 0.78 8.06
CA VAL C 57 -8.33 -0.61 8.62
C VAL C 57 -9.72 -0.92 9.16
N CYS C 58 -10.42 -1.89 8.55
CA CYS C 58 -11.78 -2.31 8.93
C CYS C 58 -11.72 -3.72 9.51
N ASN C 59 -12.24 -3.89 10.73
CA ASN C 59 -12.38 -5.21 11.38
C ASN C 59 -13.50 -5.10 12.41
N LYS C 60 -14.68 -5.61 12.06
CA LYS C 60 -15.93 -5.52 12.87
C LYS C 60 -15.65 -6.04 14.28
N LYS C 61 -15.01 -7.20 14.40
CA LYS C 61 -14.72 -7.85 15.71
C LYS C 61 -13.89 -6.87 16.55
N LEU C 62 -12.75 -6.42 16.03
CA LEU C 62 -11.78 -5.56 16.78
C LEU C 62 -12.42 -4.20 17.08
N TRP C 63 -13.34 -3.72 16.23
CA TRP C 63 -14.09 -2.46 16.45
C TRP C 63 -15.04 -2.61 17.64
N GLU C 64 -15.76 -3.74 17.74
CA GLU C 64 -16.68 -4.05 18.85
C GLU C 64 -15.87 -4.24 20.15
N ARG C 65 -14.73 -4.92 20.06
CA ARG C 65 -13.77 -5.07 21.19
C ARG C 65 -13.37 -3.68 21.70
N TYR C 66 -13.05 -2.76 20.78
CA TYR C 66 -12.66 -1.36 21.11
C TYR C 66 -13.82 -0.61 21.78
N THR C 67 -14.99 -0.56 21.14
CA THR C 67 -16.16 0.26 21.57
C THR C 67 -16.73 -0.25 22.89
N HIS C 68 -16.68 -1.56 23.13
CA HIS C 68 -17.10 -2.20 24.41
C HIS C 68 -16.20 -1.69 25.54
N ARG C 69 -14.89 -1.65 25.32
CA ARG C 69 -13.90 -1.18 26.33
C ARG C 69 -14.02 0.34 26.51
N ARG C 70 -14.30 1.08 25.44
CA ARG C 70 -14.43 2.56 25.47
C ARG C 70 -15.62 2.94 26.36
N LYS C 71 -16.69 2.13 26.29
CA LYS C 71 -17.96 2.30 27.04
C LYS C 71 -17.70 2.09 28.54
N GLU C 72 -16.91 1.07 28.91
CA GLU C 72 -16.53 0.77 30.31
C GLU C 72 -15.71 1.93 30.87
N VAL C 73 -14.65 2.33 30.15
CA VAL C 73 -13.70 3.40 30.56
C VAL C 73 -14.49 4.71 30.69
N SER C 74 -15.36 5.00 29.72
CA SER C 74 -16.17 6.24 29.66
C SER C 74 -17.06 6.33 30.90
N GLU C 75 -17.76 5.24 31.26
CA GLU C 75 -18.69 5.18 32.42
C GLU C 75 -17.88 5.30 33.73
N GLU C 76 -16.72 4.62 33.80
CA GLU C 76 -15.80 4.69 34.97
C GLU C 76 -15.20 6.10 35.10
N ASN C 77 -15.08 6.83 33.99
CA ASN C 77 -14.49 8.20 33.96
C ASN C 77 -15.60 9.24 33.77
N HIS C 78 -16.78 8.99 34.35
CA HIS C 78 -17.91 9.96 34.42
C HIS C 78 -18.29 10.46 33.02
N ASN C 79 -18.47 9.53 32.08
CA ASN C 79 -18.98 9.78 30.70
CA ASN C 79 -18.99 9.82 30.72
C ASN C 79 -17.95 10.59 29.89
N HIS C 80 -16.68 10.23 30.00
CA HIS C 80 -15.56 10.87 29.24
C HIS C 80 -14.53 9.81 28.84
N ALA C 81 -14.60 9.33 27.60
CA ALA C 81 -13.66 8.37 26.98
C ALA C 81 -12.27 8.98 26.89
N ASN C 82 -12.17 10.30 26.65
CA ASN C 82 -10.88 11.02 26.48
C ASN C 82 -10.14 10.34 25.32
N GLU C 83 -10.81 10.28 24.17
CA GLU C 83 -10.37 9.51 22.98
C GLU C 83 -9.53 10.41 22.07
N ARG C 84 -8.37 9.91 21.65
CA ARG C 84 -7.39 10.65 20.81
C ARG C 84 -7.09 9.85 19.54
N MET C 85 -6.52 10.53 18.55
CA MET C 85 -5.84 9.90 17.39
C MET C 85 -4.33 10.04 17.63
N LEU C 86 -3.63 8.93 17.74
CA LEU C 86 -2.19 8.86 18.09
C LEU C 86 -1.48 7.88 17.17
N PHE C 87 -0.20 8.13 16.89
CA PHE C 87 0.66 7.27 16.05
C PHE C 87 1.17 6.09 16.87
N HIS C 88 1.33 4.94 16.21
CA HIS C 88 2.03 3.74 16.74
C HIS C 88 2.95 3.15 15.67
N GLY C 89 4.25 3.11 15.95
CA GLY C 89 5.25 2.40 15.13
C GLY C 89 5.65 1.10 15.78
N SER C 90 5.71 0.02 15.01
CA SER C 90 6.09 -1.32 15.52
C SER C 90 6.52 -2.21 14.36
N PRO C 91 7.47 -3.16 14.58
CA PRO C 91 7.73 -4.23 13.63
C PRO C 91 6.54 -5.19 13.46
N PHE C 92 5.52 -5.11 14.32
CA PHE C 92 4.41 -6.10 14.42
C PHE C 92 3.12 -5.49 13.84
N VAL C 93 3.22 -4.45 13.02
CA VAL C 93 2.03 -3.71 12.48
C VAL C 93 1.10 -4.70 11.77
N ASN C 94 1.63 -5.71 11.08
CA ASN C 94 0.79 -6.68 10.33
C ASN C 94 -0.01 -7.53 11.34
N ALA C 95 0.63 -7.99 12.42
CA ALA C 95 -0.04 -8.70 13.53
C ALA C 95 -1.13 -7.82 14.14
N ILE C 96 -0.85 -6.51 14.32
CA ILE C 96 -1.75 -5.57 15.04
C ILE C 96 -3.05 -5.38 14.25
N ILE C 97 -2.96 -5.14 12.93
CA ILE C 97 -4.16 -4.83 12.09
C ILE C 97 -5.04 -6.09 11.97
N HIS C 98 -4.45 -7.29 12.05
CA HIS C 98 -5.19 -8.58 11.86
C HIS C 98 -5.77 -9.06 13.18
N LYS C 99 -4.98 -9.05 14.26
CA LYS C 99 -5.34 -9.69 15.56
C LYS C 99 -5.49 -8.65 16.68
N GLY C 100 -5.22 -7.36 16.42
CA GLY C 100 -5.40 -6.27 17.40
C GLY C 100 -4.19 -6.12 18.31
N PHE C 101 -4.17 -5.07 19.14
CA PHE C 101 -3.14 -4.82 20.17
C PHE C 101 -3.34 -5.80 21.33
N ASP C 102 -2.24 -6.27 21.94
CA ASP C 102 -2.24 -7.09 23.16
C ASP C 102 -0.86 -7.04 23.83
N GLU C 103 -0.68 -7.77 24.93
CA GLU C 103 0.55 -7.78 25.78
C GLU C 103 1.82 -7.88 24.91
N ARG C 104 1.76 -8.57 23.78
CA ARG C 104 2.92 -8.81 22.87
C ARG C 104 3.45 -7.49 22.28
N HIS C 105 2.64 -6.42 22.28
CA HIS C 105 2.96 -5.10 21.67
C HIS C 105 3.35 -4.09 22.76
N ALA C 106 3.55 -4.55 24.00
CA ALA C 106 3.91 -3.73 25.18
C ALA C 106 5.42 -3.51 25.22
N TYR C 107 5.84 -2.27 25.49
CA TYR C 107 7.25 -1.87 25.73
C TYR C 107 7.58 -2.11 27.20
N ILE C 108 8.19 -3.28 27.49
CA ILE C 108 8.41 -3.79 28.87
C ILE C 108 9.26 -2.79 29.67
N GLY C 109 10.25 -2.15 29.02
CA GLY C 109 11.24 -1.28 29.68
C GLY C 109 10.99 0.20 29.47
N GLY C 110 9.75 0.59 29.11
CA GLY C 110 9.40 1.99 28.81
C GLY C 110 9.41 2.86 30.06
N MET C 111 9.84 4.12 29.91
CA MET C 111 9.95 5.17 30.97
C MET C 111 8.68 5.24 31.84
N PHE C 112 7.50 5.02 31.24
CA PHE C 112 6.18 5.22 31.89
C PHE C 112 5.54 3.87 32.22
N GLY C 113 6.34 2.81 32.34
CA GLY C 113 5.88 1.46 32.73
C GLY C 113 5.60 0.57 31.52
N ALA C 114 5.37 -0.72 31.77
CA ALA C 114 5.24 -1.78 30.76
C ALA C 114 3.80 -1.77 30.22
N GLY C 115 3.56 -0.98 29.18
CA GLY C 115 2.28 -0.93 28.47
C GLY C 115 2.50 -0.69 26.98
N ILE C 116 1.42 -0.34 26.28
CA ILE C 116 1.44 -0.07 24.81
C ILE C 116 1.55 1.44 24.63
N TYR C 117 2.60 1.88 23.93
CA TYR C 117 2.99 3.30 23.79
C TYR C 117 2.43 3.86 22.48
N PHE C 118 2.02 5.13 22.50
CA PHE C 118 1.52 5.91 21.35
C PHE C 118 2.14 7.30 21.43
N ALA C 119 2.26 7.99 20.30
CA ALA C 119 2.92 9.32 20.19
C ALA C 119 2.04 10.30 19.42
N GLU C 120 2.05 11.56 19.87
CA GLU C 120 1.51 12.70 19.10
C GLU C 120 2.49 13.05 17.97
N ASN C 121 3.81 12.87 18.20
CA ASN C 121 4.84 13.10 17.15
C ASN C 121 4.95 11.86 16.28
N SER C 122 4.59 11.97 14.99
CA SER C 122 4.77 10.91 13.97
C SER C 122 6.23 10.43 13.96
N SER C 123 7.18 11.37 14.06
CA SER C 123 8.65 11.14 14.03
C SER C 123 9.08 10.34 15.27
N LYS C 124 8.33 10.43 16.38
CA LYS C 124 8.62 9.62 17.60
C LYS C 124 8.28 8.16 17.32
N SER C 125 7.10 7.89 16.75
CA SER C 125 6.65 6.53 16.38
C SER C 125 7.57 5.94 15.30
N ASN C 126 8.06 6.78 14.38
CA ASN C 126 9.00 6.38 13.29
C ASN C 126 10.25 5.70 13.89
N GLN C 127 10.69 6.12 15.09
CA GLN C 127 11.88 5.56 15.80
C GLN C 127 11.69 4.07 16.12
N TYR C 128 10.44 3.57 16.17
CA TYR C 128 10.09 2.20 16.66
C TYR C 128 9.70 1.27 15.49
N VAL C 129 9.62 1.80 14.28
CA VAL C 129 9.17 1.02 13.07
C VAL C 129 10.06 -0.22 12.92
N TYR C 130 11.37 -0.09 13.11
CA TYR C 130 12.35 -1.20 12.94
C TYR C 130 12.75 -1.80 14.28
N GLY C 131 12.00 -1.51 15.36
CA GLY C 131 12.22 -2.02 16.71
C GLY C 131 12.63 -0.93 17.68
N ILE C 132 12.96 -1.30 18.92
CA ILE C 132 13.43 -0.36 19.98
C ILE C 132 14.75 0.28 19.54
N GLY C 133 14.86 1.61 19.64
CA GLY C 133 16.04 2.37 19.19
C GLY C 133 16.30 2.24 17.70
N GLY C 134 15.28 1.86 16.93
CA GLY C 134 15.35 1.64 15.47
C GLY C 134 15.93 0.29 15.10
N GLY C 135 16.18 -0.59 16.08
CA GLY C 135 16.86 -1.89 15.88
C GLY C 135 18.11 -1.72 15.04
N THR C 136 18.29 -2.55 14.01
CA THR C 136 19.41 -2.49 13.04
C THR C 136 18.94 -1.83 11.73
N GLY C 137 17.83 -1.10 11.77
CA GLY C 137 17.26 -0.37 10.62
C GLY C 137 16.55 -1.29 9.65
N CYS C 138 16.42 -0.87 8.39
CA CYS C 138 15.68 -1.59 7.32
C CYS C 138 16.29 -2.97 7.11
N PRO C 139 15.47 -4.02 6.88
CA PRO C 139 15.98 -5.36 6.57
C PRO C 139 17.02 -5.40 5.44
N VAL C 140 16.81 -4.61 4.38
CA VAL C 140 17.57 -4.71 3.10
C VAL C 140 18.95 -4.08 3.26
N HIS C 141 19.05 -2.88 3.83
CA HIS C 141 20.30 -2.07 3.86
C HIS C 141 20.90 -1.98 5.26
N LYS C 142 20.23 -2.53 6.29
CA LYS C 142 20.59 -2.34 7.71
C LYS C 142 20.81 -0.84 7.98
N ASP C 143 19.89 0.01 7.51
CA ASP C 143 20.04 1.49 7.57
C ASP C 143 18.81 2.06 8.29
N ARG C 144 19.02 2.60 9.50
CA ARG C 144 17.94 3.20 10.32
C ARG C 144 17.48 4.50 9.67
N SER C 145 18.32 5.10 8.80
CA SER C 145 18.02 6.33 8.03
C SER C 145 17.76 5.99 6.55
N CYS C 146 17.35 4.76 6.22
CA CYS C 146 17.16 4.33 4.81
C CYS C 146 16.06 5.18 4.17
N TYR C 147 16.39 5.83 3.05
CA TYR C 147 15.50 6.72 2.26
C TYR C 147 14.81 5.93 1.13
N ILE C 148 15.12 4.64 0.97
CA ILE C 148 14.62 3.77 -0.14
C ILE C 148 13.47 2.91 0.36
N CYS C 149 13.67 2.17 1.45
CA CYS C 149 12.77 1.10 1.91
C CYS C 149 11.48 1.69 2.48
N HIS C 150 10.36 1.06 2.16
CA HIS C 150 8.99 1.49 2.55
C HIS C 150 8.81 1.22 4.05
N ARG C 151 8.30 2.21 4.78
CA ARG C 151 7.96 2.11 6.22
C ARG C 151 6.44 2.16 6.39
N GLN C 152 5.95 1.68 7.53
CA GLN C 152 4.51 1.70 7.88
C GLN C 152 4.35 2.20 9.33
N LEU C 153 3.45 3.17 9.52
CA LEU C 153 2.95 3.62 10.84
C LEU C 153 1.44 3.34 10.91
N LEU C 154 0.92 3.14 12.12
CA LEU C 154 -0.53 3.12 12.40
C LEU C 154 -0.91 4.47 12.99
N PHE C 155 -2.05 5.03 12.57
CA PHE C 155 -2.72 6.20 13.19
C PHE C 155 -3.99 5.65 13.84
N CYS C 156 -3.99 5.61 15.18
CA CYS C 156 -4.91 4.76 15.99
C CYS C 156 -5.89 5.61 16.78
N ARG C 157 -7.09 5.07 17.00
CA ARG C 157 -8.08 5.61 17.96
C ARG C 157 -7.72 5.02 19.33
N VAL C 158 -7.43 5.88 20.31
CA VAL C 158 -6.91 5.48 21.66
C VAL C 158 -7.81 6.10 22.73
N THR C 159 -8.40 5.26 23.59
CA THR C 159 -9.19 5.64 24.79
C THR C 159 -8.23 5.81 25.98
N LEU C 160 -8.06 7.04 26.46
CA LEU C 160 -7.13 7.36 27.58
C LEU C 160 -7.86 7.28 28.92
N GLY C 161 -9.17 7.56 28.93
CA GLY C 161 -9.97 7.73 30.15
C GLY C 161 -9.32 8.76 31.07
N LYS C 162 -9.27 8.47 32.37
CA LYS C 162 -8.50 9.27 33.36
C LYS C 162 -7.03 8.94 33.17
N SER C 163 -6.27 9.85 32.57
CA SER C 163 -4.83 9.69 32.26
C SER C 163 -4.00 10.24 33.42
N PHE C 164 -3.07 9.43 33.96
CA PHE C 164 -2.10 9.86 34.98
C PHE C 164 -1.00 10.69 34.31
N LEU C 165 -0.90 11.97 34.68
CA LEU C 165 0.08 12.92 34.10
C LEU C 165 1.46 12.65 34.72
N GLN C 166 2.41 12.18 33.91
CA GLN C 166 3.81 11.91 34.33
C GLN C 166 4.72 12.84 33.52
N PHE C 167 5.34 13.82 34.18
CA PHE C 167 6.39 14.67 33.57
C PHE C 167 7.64 13.81 33.40
N SER C 168 8.30 13.94 32.24
CA SER C 168 9.56 13.23 31.90
C SER C 168 10.69 14.26 31.81
N ALA C 169 11.93 13.82 32.04
CA ALA C 169 13.16 14.64 31.97
C ALA C 169 13.54 14.88 30.49
N MET C 170 12.90 14.17 29.55
CA MET C 170 13.06 14.38 28.09
C MET C 170 12.45 15.74 27.72
N ALA D 2 2.10 -4.69 32.87
CA ALA D 2 1.79 -3.82 34.04
C ALA D 2 0.30 -3.48 34.05
N HIS D 3 -0.17 -2.93 35.17
CA HIS D 3 -1.51 -2.32 35.33
C HIS D 3 -1.36 -0.80 35.30
N SER D 4 -2.44 -0.08 34.99
CA SER D 4 -2.52 1.41 35.04
C SER D 4 -2.37 1.84 36.49
N PRO D 5 -2.06 3.14 36.75
CA PRO D 5 -2.11 3.66 38.12
C PRO D 5 -3.51 3.49 38.70
N PRO D 6 -3.66 3.18 40.01
CA PRO D 6 -4.98 2.95 40.60
C PRO D 6 -5.96 4.10 40.30
N GLY D 7 -7.11 3.77 39.70
CA GLY D 7 -8.18 4.73 39.33
C GLY D 7 -7.88 5.43 38.01
N HIS D 8 -6.81 5.05 37.31
CA HIS D 8 -6.37 5.63 36.01
C HIS D 8 -6.42 4.56 34.92
N HIS D 9 -6.71 4.96 33.68
CA HIS D 9 -6.88 4.06 32.51
C HIS D 9 -5.68 4.17 31.56
N SER D 10 -4.82 5.18 31.75
CA SER D 10 -3.64 5.46 30.89
C SER D 10 -2.63 6.33 31.62
N VAL D 11 -1.45 6.49 31.03
CA VAL D 11 -0.40 7.47 31.47
C VAL D 11 -0.15 8.43 30.32
N THR D 12 -0.12 9.74 30.63
CA THR D 12 0.35 10.81 29.73
C THR D 12 1.80 11.12 30.09
N GLY D 13 2.74 10.72 29.21
CA GLY D 13 4.17 11.08 29.30
C GLY D 13 4.44 12.40 28.62
N ARG D 14 4.80 13.44 29.39
CA ARG D 14 4.94 14.83 28.87
C ARG D 14 6.37 15.32 29.08
N PRO D 15 7.19 15.40 28.02
CA PRO D 15 8.51 16.03 28.10
C PRO D 15 8.46 17.43 28.73
N SER D 16 9.24 17.62 29.80
CA SER D 16 9.30 18.87 30.61
C SER D 16 10.54 19.70 30.25
N VAL D 17 11.53 19.11 29.55
CA VAL D 17 12.81 19.78 29.17
C VAL D 17 12.69 20.30 27.73
N ASN D 18 12.28 19.45 26.79
CA ASN D 18 12.03 19.84 25.37
C ASN D 18 10.55 20.21 25.19
N GLY D 19 10.24 21.51 25.13
CA GLY D 19 8.87 22.03 24.99
C GLY D 19 8.33 21.88 23.56
N LEU D 20 9.20 21.58 22.58
CA LEU D 20 8.82 21.26 21.17
C LEU D 20 8.45 19.78 21.02
N ALA D 21 8.74 18.94 22.02
CA ALA D 21 8.38 17.52 22.05
C ALA D 21 6.92 17.38 22.52
N LEU D 22 6.10 16.68 21.74
CA LEU D 22 4.70 16.37 22.10
C LEU D 22 4.67 15.14 23.01
N ALA D 23 3.48 14.82 23.53
CA ALA D 23 3.26 13.79 24.58
C ALA D 23 3.38 12.38 23.99
N GLU D 24 3.85 11.44 24.81
CA GLU D 24 3.71 9.98 24.62
C GLU D 24 2.60 9.51 25.57
N TYR D 25 1.85 8.49 25.19
CA TYR D 25 0.74 7.91 25.97
C TYR D 25 0.95 6.40 26.12
N VAL D 26 0.53 5.86 27.25
CA VAL D 26 0.62 4.41 27.59
C VAL D 26 -0.75 3.94 28.01
N ILE D 27 -1.22 2.87 27.38
CA ILE D 27 -2.40 2.08 27.83
C ILE D 27 -1.89 0.68 28.23
N TYR D 28 -2.61 0.00 29.12
CA TYR D 28 -2.22 -1.32 29.66
C TYR D 28 -3.25 -2.37 29.23
N ARG D 29 -4.14 -1.99 28.32
CA ARG D 29 -5.22 -2.84 27.75
C ARG D 29 -5.23 -2.67 26.23
N GLY D 30 -4.97 -3.76 25.48
CA GLY D 30 -4.98 -3.78 24.00
C GLY D 30 -6.30 -3.27 23.43
N GLU D 31 -7.40 -3.44 24.16
CA GLU D 31 -8.78 -3.12 23.71
C GLU D 31 -9.00 -1.59 23.73
N GLN D 32 -8.10 -0.81 24.32
CA GLN D 32 -8.24 0.67 24.45
C GLN D 32 -7.65 1.37 23.22
N ALA D 33 -7.27 0.63 22.19
CA ALA D 33 -6.73 1.18 20.92
C ALA D 33 -7.31 0.40 19.73
N TYR D 34 -7.72 1.13 18.69
CA TYR D 34 -8.11 0.57 17.38
C TYR D 34 -7.23 1.18 16.30
N PRO D 35 -6.51 0.35 15.51
CA PRO D 35 -5.64 0.84 14.44
C PRO D 35 -6.48 1.25 13.21
N GLU D 36 -6.89 2.53 13.17
N GLU D 36 -6.86 2.53 13.14
CA GLU D 36 -7.81 3.12 12.15
CA GLU D 36 -7.83 3.08 12.15
C GLU D 36 -7.14 3.16 10.78
C GLU D 36 -7.17 3.21 10.76
N TYR D 37 -5.91 3.67 10.70
CA TYR D 37 -5.18 3.94 9.44
C TYR D 37 -3.82 3.26 9.45
N LEU D 38 -3.49 2.58 8.35
CA LEU D 38 -2.15 2.06 8.00
C LEU D 38 -1.52 3.00 6.97
N ILE D 39 -0.43 3.68 7.35
CA ILE D 39 0.27 4.67 6.51
C ILE D 39 1.58 4.04 6.03
N THR D 40 1.78 3.97 4.71
CA THR D 40 3.04 3.52 4.04
C THR D 40 3.76 4.76 3.51
N TYR D 41 5.06 4.88 3.80
CA TYR D 41 5.84 6.11 3.54
C TYR D 41 7.33 5.80 3.48
N GLN D 42 8.08 6.74 2.91
CA GLN D 42 9.55 6.88 3.05
C GLN D 42 9.81 8.16 3.83
N ILE D 43 10.82 8.16 4.70
CA ILE D 43 11.45 9.42 5.18
C ILE D 43 12.16 10.02 3.96
N MET D 44 12.24 11.35 3.87
CA MET D 44 12.89 12.08 2.73
C MET D 44 14.19 12.72 3.21
N ARG D 45 15.29 12.46 2.50
CA ARG D 45 16.61 13.11 2.74
C ARG D 45 16.44 14.62 2.60
N PRO D 46 16.85 15.44 3.60
CA PRO D 46 16.78 16.90 3.47
C PRO D 46 17.58 17.41 2.26
N GLU D 47 17.06 18.43 1.56
CA GLU D 47 17.63 18.95 0.29
C GLU D 47 19.02 19.52 0.54
C4 VJN E . -0.55 -1.67 -10.10
C14 VJN E . -1.11 -0.55 -10.68
C5 VJN E . -0.65 -2.94 -10.71
C6 VJN E . -1.31 -3.09 -11.90
C11 VJN E . -2.49 1.84 -12.24
C7 VJN E . -1.91 -1.97 -12.53
C8 VJN E . -2.63 -2.12 -13.77
C9 VJN E . -3.08 0.23 -13.81
C10 VJN E . -3.12 2.60 -13.19
C12 VJN E . -2.42 0.43 -12.59
C13 VJN E . -1.81 -0.69 -11.92
N1 VJN E . -3.18 -1.01 -14.37
C3 VJN E . 1.11 -0.72 -6.98
C2 VJN E . 0.10 -0.54 -8.07
O1 VJN E . 0.15 -1.68 -8.93
O2 VJN E . -2.75 -3.20 -14.33
S1 VJN E . -3.78 1.68 -14.49
ZN ZN F . -22.33 -3.46 -14.36
S SO4 G . -3.79 -5.92 -2.38
O1 SO4 G . -5.11 -5.47 -2.04
O2 SO4 G . -2.83 -5.09 -1.72
O3 SO4 G . -3.62 -7.29 -1.97
O4 SO4 G . -3.63 -5.82 -3.80
S SO4 H . -16.00 -20.44 -7.51
O1 SO4 H . -16.52 -19.73 -8.66
O2 SO4 H . -14.92 -19.69 -6.95
O3 SO4 H . -17.04 -20.60 -6.53
O4 SO4 H . -15.51 -21.73 -7.90
C1 GOL I . 7.29 -12.04 1.98
O1 GOL I . 6.19 -12.68 2.61
C2 GOL I . 8.60 -12.76 2.29
O2 GOL I . 8.90 -12.65 3.68
C3 GOL I . 8.58 -14.21 1.88
O3 GOL I . 9.89 -14.70 1.64
C4 VJN J . 7.16 5.78 22.70
C14 VJN J . 7.41 4.42 22.54
C5 VJN J . 6.39 6.48 21.75
C6 VJN J . 5.85 5.85 20.68
C11 VJN J . 7.77 1.36 21.96
C7 VJN J . 6.06 4.46 20.47
C8 VJN J . 5.50 3.78 19.32
C9 VJN J . 6.47 1.73 20.08
C10 VJN J . 7.55 0.08 21.50
C12 VJN J . 7.04 2.34 21.20
C13 VJN J . 6.85 3.74 21.43
N1 VJN J . 5.73 2.42 19.18
C1 VJN J . 8.99 7.02 25.62
C2 VJN J . 8.59 5.97 24.63
O1 VJN J . 7.64 6.54 23.73
O2 VJN J . 4.83 4.34 18.47
S1 VJN J . 6.81 0.02 19.96
ZN ZN K . 16.58 0.11 3.11
S SO4 L . 13.61 12.27 21.79
O1 SO4 L . 12.54 12.70 22.65
O2 SO4 L . 14.16 13.38 21.07
O3 SO4 L . 14.63 11.66 22.60
O4 SO4 L . 13.09 11.30 20.86
S SO4 M . 13.51 19.26 3.11
O1 SO4 M . 13.15 20.22 4.11
O2 SO4 M . 12.71 19.48 1.94
O3 SO4 M . 13.27 17.94 3.62
O4 SO4 M . 14.89 19.41 2.77
#